data_1CK6
#
_entry.id   1CK6
#
_cell.length_a   74.410
_cell.length_b   74.410
_cell.length_c   116.950
_cell.angle_alpha   90.00
_cell.angle_beta   90.00
_cell.angle_gamma   90.00
#
_symmetry.space_group_name_H-M   'P 42 21 2'
#
loop_
_entity.id
_entity.type
_entity.pdbx_description
1 polymer 'PROTEIN (PEROXIDASE)'
2 branched 2-acetamido-2-deoxy-beta-D-glucopyranose-(1-4)-2-acetamido-2-deoxy-beta-D-glucopyranose
3 non-polymer beta-D-mannopyranose
4 non-polymer 'CALCIUM ION'
5 non-polymer 'SALICYLHYDROXAMIC ACID'
6 non-polymer 'PROTOPORPHYRIN IX CONTAINING FE'
7 water water
#
_entity_poly.entity_id   1
_entity_poly.type   'polypeptide(L)'
_entity_poly.pdbx_seq_one_letter_code
;QGPGGGGGSVTCPGGQSTSNSQCCVWFDVLDDLQTNFYQGSKCESPVRKILRIVFHDAIGFSPALTAAGQFGGGGADGSI
IAHSNIELAFPANGGLTDTIEALRAVGINHGVSFGDLIQFATAVGMSNCPGSPRLEFLTGRSNSSQPSPPSLIPGPGNTV
TAILDRMGDAGFSPDEVVDLLAAHSLASQEGLNSAIFRSPLDSTPQVFDTQFYIETLLKGTTQPGPSLGFAEELSPFPGE
FRMRSDALLARDSRTACRWQSMTSSNEVMGQRYRAAMAKMSVLGFDRNALTDCSDVIPSAVSNNAAPVIPGGLTVDDIEV
SCPSEPFPEIATASGPLPSLAPAP
;
_entity_poly.pdbx_strand_id   A
#
loop_
_chem_comp.id
_chem_comp.type
_chem_comp.name
_chem_comp.formula
BMA D-saccharide, beta linking beta-D-mannopyranose 'C6 H12 O6'
CA non-polymer 'CALCIUM ION' 'Ca 2'
HEM non-polymer 'PROTOPORPHYRIN IX CONTAINING FE' 'C34 H32 Fe N4 O4'
NAG D-saccharide, beta linking 2-acetamido-2-deoxy-beta-D-glucopyranose 'C8 H15 N O6'
SHA non-polymer 'SALICYLHYDROXAMIC ACID' 'C7 H7 N O3'
#
# COMPACT_ATOMS: atom_id res chain seq x y z
N SER A 9 -8.20 28.81 -7.82
CA SER A 9 -9.14 29.42 -8.75
C SER A 9 -10.63 29.53 -8.33
N VAL A 10 -11.33 28.42 -8.18
CA VAL A 10 -12.74 28.38 -7.80
C VAL A 10 -12.84 28.49 -6.27
N THR A 11 -13.98 28.89 -5.71
CA THR A 11 -14.23 28.92 -4.27
C THR A 11 -15.40 27.95 -4.17
N CYS A 12 -15.22 26.84 -3.47
CA CYS A 12 -16.25 25.85 -3.29
C CYS A 12 -17.22 26.36 -2.25
N PRO A 13 -18.48 25.90 -2.18
CA PRO A 13 -19.48 26.30 -1.19
C PRO A 13 -18.95 26.48 0.21
N GLY A 14 -18.01 25.61 0.60
CA GLY A 14 -17.40 25.68 1.92
C GLY A 14 -16.30 26.75 2.05
N GLY A 15 -16.11 27.60 1.02
CA GLY A 15 -15.13 28.67 1.06
C GLY A 15 -13.71 28.25 0.77
N GLN A 16 -13.51 26.98 0.42
CA GLN A 16 -12.16 26.55 0.13
C GLN A 16 -11.92 26.94 -1.31
N SER A 17 -10.67 27.17 -1.62
CA SER A 17 -10.30 27.55 -2.96
C SER A 17 -9.85 26.26 -3.62
N THR A 18 -10.19 26.09 -4.90
CA THR A 18 -9.69 24.95 -5.58
C THR A 18 -9.35 25.34 -7.01
N SER A 19 -8.64 24.46 -7.69
CA SER A 19 -8.24 24.67 -9.05
C SER A 19 -9.39 24.54 -10.04
N ASN A 20 -10.34 23.63 -9.85
CA ASN A 20 -11.38 23.38 -10.84
C ASN A 20 -12.68 23.12 -10.14
N SER A 21 -13.86 23.42 -10.69
CA SER A 21 -15.12 23.19 -9.97
C SER A 21 -15.37 21.70 -9.77
N GLN A 22 -14.83 20.82 -10.62
CA GLN A 22 -15.00 19.39 -10.43
C GLN A 22 -14.43 18.85 -9.15
N CYS A 23 -13.59 19.64 -8.50
CA CYS A 23 -12.98 19.30 -7.23
C CYS A 23 -13.87 19.55 -6.04
N CYS A 24 -14.87 20.42 -6.18
CA CYS A 24 -15.64 20.79 -5.02
C CYS A 24 -16.36 19.69 -4.30
N VAL A 25 -16.91 18.68 -4.98
CA VAL A 25 -17.62 17.57 -4.32
C VAL A 25 -16.67 16.77 -3.42
N TRP A 26 -15.38 16.71 -3.78
CA TRP A 26 -14.41 15.98 -3.01
C TRP A 26 -14.21 16.57 -1.62
N PHE A 27 -14.46 17.85 -1.34
CA PHE A 27 -14.34 18.34 0.03
C PHE A 27 -15.49 17.72 0.87
N ASP A 28 -16.64 17.37 0.29
CA ASP A 28 -17.71 16.73 1.06
C ASP A 28 -17.37 15.28 1.30
N VAL A 29 -16.80 14.57 0.32
CA VAL A 29 -16.53 13.19 0.62
C VAL A 29 -15.30 13.13 1.55
N LEU A 30 -14.41 14.15 1.55
CA LEU A 30 -13.29 14.24 2.50
C LEU A 30 -13.88 14.26 3.92
N ASP A 31 -14.83 15.14 4.19
CA ASP A 31 -15.42 15.23 5.52
C ASP A 31 -16.13 13.97 6.01
N ASP A 32 -16.90 13.32 5.16
CA ASP A 32 -17.59 12.10 5.54
C ASP A 32 -16.57 10.99 5.84
N LEU A 33 -15.58 10.77 4.97
CA LEU A 33 -14.60 9.73 5.16
C LEU A 33 -13.84 10.01 6.43
N GLN A 34 -13.37 11.23 6.70
CA GLN A 34 -12.64 11.52 7.93
C GLN A 34 -13.44 11.27 9.21
N THR A 35 -14.71 11.68 9.18
CA THR A 35 -15.60 11.52 10.31
C THR A 35 -16.07 10.10 10.50
N ASN A 36 -16.34 9.41 9.40
CA ASN A 36 -16.95 8.12 9.53
C ASN A 36 -16.07 6.95 9.24
N PHE A 37 -15.65 6.79 7.99
CA PHE A 37 -14.82 5.69 7.57
C PHE A 37 -13.56 5.62 8.42
N TYR A 38 -12.91 6.76 8.67
CA TYR A 38 -11.65 6.85 9.44
C TYR A 38 -11.82 7.20 10.89
N GLN A 39 -13.06 7.19 11.35
CA GLN A 39 -13.39 7.36 12.76
C GLN A 39 -12.69 8.52 13.46
N GLY A 40 -12.75 9.68 12.84
CA GLY A 40 -12.10 10.82 13.43
C GLY A 40 -10.67 10.94 12.95
N SER A 41 -10.45 10.78 11.64
CA SER A 41 -9.13 10.94 11.04
C SER A 41 -7.98 10.09 11.64
N LYS A 42 -8.29 8.84 11.99
CA LYS A 42 -7.33 7.89 12.54
C LYS A 42 -6.57 7.12 11.46
N CYS A 43 -5.41 6.55 11.82
CA CYS A 43 -4.55 5.76 10.92
C CYS A 43 -4.55 4.34 11.48
N GLU A 44 -5.67 3.62 11.28
CA GLU A 44 -5.83 2.29 11.81
C GLU A 44 -6.24 1.32 10.73
N SER A 45 -6.84 0.17 11.01
CA SER A 45 -7.25 -0.80 10.00
C SER A 45 -7.97 -0.22 8.75
N PRO A 46 -8.95 0.74 8.74
CA PRO A 46 -9.59 1.24 7.51
C PRO A 46 -8.56 1.74 6.52
N VAL A 47 -7.53 2.49 6.96
CA VAL A 47 -6.49 2.95 6.03
C VAL A 47 -5.72 1.75 5.45
N ARG A 48 -5.34 0.73 6.24
CA ARG A 48 -4.54 -0.40 5.76
C ARG A 48 -5.34 -1.21 4.77
N LYS A 49 -6.61 -1.43 5.07
CA LYS A 49 -7.52 -2.13 4.19
C LYS A 49 -7.65 -1.33 2.89
N ILE A 50 -7.82 0.01 2.91
CA ILE A 50 -7.96 0.75 1.67
C ILE A 50 -6.70 0.66 0.82
N LEU A 51 -5.52 0.63 1.45
CA LEU A 51 -4.28 0.51 0.71
C LEU A 51 -4.18 -0.83 -0.04
N ARG A 52 -4.64 -1.92 0.61
CA ARG A 52 -4.66 -3.24 -0.02
C ARG A 52 -5.71 -3.21 -1.14
N ILE A 53 -6.86 -2.57 -0.94
CA ILE A 53 -7.89 -2.45 -1.98
C ILE A 53 -7.41 -1.66 -3.20
N VAL A 54 -6.67 -0.55 -3.09
CA VAL A 54 -6.28 0.24 -4.26
C VAL A 54 -5.35 -0.55 -5.18
N PHE A 55 -4.49 -1.36 -4.55
CA PHE A 55 -3.58 -2.25 -5.25
C PHE A 55 -4.43 -3.32 -5.91
N HIS A 56 -5.35 -4.01 -5.22
CA HIS A 56 -6.10 -5.08 -5.85
C HIS A 56 -7.03 -4.64 -6.96
N ASP A 57 -7.47 -3.39 -6.86
CA ASP A 57 -8.30 -2.81 -7.90
C ASP A 57 -7.45 -2.43 -9.11
N ALA A 58 -6.36 -1.66 -8.93
CA ALA A 58 -5.57 -1.20 -10.05
C ALA A 58 -4.80 -2.26 -10.77
N ILE A 59 -4.29 -3.29 -10.09
CA ILE A 59 -3.49 -4.34 -10.72
C ILE A 59 -4.31 -5.30 -11.60
N GLY A 60 -5.66 -5.31 -11.62
CA GLY A 60 -6.41 -6.19 -12.49
C GLY A 60 -6.37 -5.48 -13.83
N PHE A 61 -5.22 -5.57 -14.47
CA PHE A 61 -4.95 -4.89 -15.71
C PHE A 61 -3.82 -5.69 -16.34
N SER A 62 -4.05 -6.29 -17.52
CA SER A 62 -3.05 -7.09 -18.18
C SER A 62 -2.97 -6.88 -19.70
N PRO A 63 -1.96 -6.13 -20.15
CA PRO A 63 -1.69 -5.92 -21.58
C PRO A 63 -1.52 -7.25 -22.34
N ALA A 64 -0.93 -8.26 -21.70
CA ALA A 64 -0.71 -9.56 -22.33
C ALA A 64 -2.07 -10.19 -22.65
N LEU A 65 -3.04 -10.18 -21.74
CA LEU A 65 -4.37 -10.71 -21.99
C LEU A 65 -5.02 -9.94 -23.14
N THR A 66 -4.91 -8.63 -23.17
CA THR A 66 -5.46 -7.82 -24.24
C THR A 66 -4.82 -8.23 -25.56
N ALA A 67 -3.48 -8.30 -25.60
CA ALA A 67 -2.72 -8.67 -26.78
C ALA A 67 -3.18 -10.02 -27.29
N ALA A 68 -3.48 -10.96 -26.39
CA ALA A 68 -3.93 -12.27 -26.79
C ALA A 68 -5.42 -12.28 -27.12
N GLY A 69 -6.04 -11.14 -27.39
CA GLY A 69 -7.46 -11.05 -27.71
C GLY A 69 -8.40 -11.18 -26.51
N GLN A 70 -7.94 -11.26 -25.25
CA GLN A 70 -8.85 -11.38 -24.13
C GLN A 70 -9.10 -10.04 -23.46
N PHE A 71 -10.08 -9.93 -22.57
CA PHE A 71 -10.30 -8.69 -21.82
C PHE A 71 -9.19 -8.75 -20.76
N GLY A 72 -8.32 -7.75 -20.70
CA GLY A 72 -7.23 -7.76 -19.75
C GLY A 72 -7.56 -7.05 -18.47
N GLY A 73 -8.74 -6.46 -18.25
CA GLY A 73 -9.04 -5.78 -17.00
C GLY A 73 -8.99 -4.27 -17.20
N GLY A 74 -9.74 -3.47 -16.47
CA GLY A 74 -9.70 -2.04 -16.66
C GLY A 74 -8.76 -1.27 -15.72
N GLY A 75 -7.91 -1.88 -14.90
CA GLY A 75 -7.02 -1.11 -14.04
C GLY A 75 -7.76 -0.45 -12.89
N ALA A 76 -7.45 0.82 -12.63
CA ALA A 76 -8.01 1.58 -11.53
C ALA A 76 -9.42 2.07 -11.81
N ASP A 77 -10.33 1.13 -12.09
CA ASP A 77 -11.69 1.40 -12.46
C ASP A 77 -12.79 1.21 -11.42
N GLY A 78 -12.43 0.83 -10.19
CA GLY A 78 -13.41 0.56 -9.11
C GLY A 78 -14.20 -0.73 -9.31
N SER A 79 -13.71 -1.64 -10.15
CA SER A 79 -14.43 -2.86 -10.46
C SER A 79 -14.48 -3.74 -9.23
N ILE A 80 -13.52 -3.64 -8.28
CA ILE A 80 -13.57 -4.44 -7.07
C ILE A 80 -14.81 -4.08 -6.25
N ILE A 81 -15.42 -2.90 -6.42
CA ILE A 81 -16.65 -2.52 -5.72
C ILE A 81 -17.82 -2.85 -6.65
N ALA A 82 -17.84 -2.38 -7.89
CA ALA A 82 -18.97 -2.65 -8.79
C ALA A 82 -19.20 -4.13 -9.07
N HIS A 83 -18.13 -4.91 -9.08
CA HIS A 83 -18.21 -6.34 -9.33
C HIS A 83 -17.64 -7.06 -8.12
N SER A 84 -17.92 -6.62 -6.88
CA SER A 84 -17.41 -7.27 -5.69
C SER A 84 -17.88 -8.72 -5.62
N ASN A 85 -19.08 -9.00 -6.13
CA ASN A 85 -19.64 -10.34 -6.16
C ASN A 85 -18.68 -11.27 -6.89
N ILE A 86 -17.97 -10.86 -7.96
CA ILE A 86 -17.09 -11.81 -8.55
C ILE A 86 -15.68 -11.59 -7.99
N GLU A 87 -15.13 -10.37 -7.87
CA GLU A 87 -13.76 -10.20 -7.41
C GLU A 87 -13.46 -10.58 -5.97
N LEU A 88 -14.39 -10.41 -5.05
CA LEU A 88 -14.12 -10.80 -3.69
C LEU A 88 -14.12 -12.32 -3.53
N ALA A 89 -14.40 -13.12 -4.57
CA ALA A 89 -14.32 -14.57 -4.43
C ALA A 89 -12.89 -15.00 -4.76
N PHE A 90 -12.05 -14.10 -5.27
CA PHE A 90 -10.66 -14.44 -5.59
C PHE A 90 -9.94 -14.65 -4.25
N PRO A 91 -9.01 -15.60 -4.12
CA PRO A 91 -8.31 -15.83 -2.85
C PRO A 91 -7.46 -14.67 -2.39
N ALA A 92 -6.95 -13.80 -3.27
CA ALA A 92 -6.18 -12.64 -2.86
C ALA A 92 -7.05 -11.60 -2.18
N ASN A 93 -8.38 -11.69 -2.28
CA ASN A 93 -9.31 -10.67 -1.79
C ASN A 93 -10.07 -10.98 -0.54
N GLY A 94 -9.57 -11.89 0.30
CA GLY A 94 -10.26 -12.13 1.54
C GLY A 94 -10.03 -10.97 2.51
N GLY A 95 -10.98 -10.83 3.42
CA GLY A 95 -10.93 -9.81 4.47
C GLY A 95 -11.25 -8.40 4.01
N LEU A 96 -11.84 -8.27 2.81
CA LEU A 96 -12.11 -6.97 2.27
C LEU A 96 -13.56 -6.59 2.22
N THR A 97 -14.50 -7.52 2.28
CA THR A 97 -15.91 -7.22 2.22
C THR A 97 -16.42 -6.05 3.04
N ASP A 98 -16.16 -5.98 4.32
CA ASP A 98 -16.68 -4.90 5.12
C ASP A 98 -16.22 -3.54 4.67
N THR A 99 -14.97 -3.42 4.27
CA THR A 99 -14.45 -2.15 3.81
C THR A 99 -15.07 -1.81 2.43
N ILE A 100 -15.20 -2.75 1.51
CA ILE A 100 -15.81 -2.51 0.20
C ILE A 100 -17.24 -1.99 0.35
N GLU A 101 -18.07 -2.55 1.26
CA GLU A 101 -19.44 -2.09 1.50
C GLU A 101 -19.54 -0.67 2.04
N ALA A 102 -18.62 -0.30 2.93
CA ALA A 102 -18.56 1.03 3.49
C ALA A 102 -18.23 2.02 2.37
N LEU A 103 -17.30 1.63 1.50
CA LEU A 103 -16.89 2.49 0.39
C LEU A 103 -18.01 2.59 -0.60
N ARG A 104 -18.72 1.49 -0.86
CA ARG A 104 -19.84 1.52 -1.80
C ARG A 104 -20.86 2.60 -1.40
N ALA A 105 -21.23 2.64 -0.11
CA ALA A 105 -22.22 3.59 0.36
C ALA A 105 -21.76 5.03 0.19
N VAL A 106 -20.48 5.33 0.48
CA VAL A 106 -20.00 6.71 0.32
C VAL A 106 -20.08 7.17 -1.13
N GLY A 107 -19.70 6.25 -2.03
CA GLY A 107 -19.70 6.46 -3.47
C GLY A 107 -21.09 6.77 -3.98
N ILE A 108 -22.05 5.92 -3.64
CA ILE A 108 -23.44 6.10 -4.03
C ILE A 108 -23.96 7.40 -3.45
N ASN A 109 -23.68 7.65 -2.16
CA ASN A 109 -24.15 8.84 -1.50
C ASN A 109 -23.61 10.14 -2.04
N HIS A 110 -22.37 10.19 -2.52
CA HIS A 110 -21.86 11.44 -3.03
C HIS A 110 -21.90 11.58 -4.53
N GLY A 111 -22.29 10.51 -5.22
CA GLY A 111 -22.37 10.51 -6.65
C GLY A 111 -21.01 10.59 -7.31
N VAL A 112 -19.98 9.88 -6.82
CA VAL A 112 -18.64 9.91 -7.39
C VAL A 112 -18.33 8.53 -7.95
N SER A 113 -17.47 8.33 -8.96
CA SER A 113 -17.22 7.01 -9.51
C SER A 113 -16.46 6.18 -8.52
N PHE A 114 -16.67 4.87 -8.56
CA PHE A 114 -15.97 4.01 -7.64
C PHE A 114 -14.46 4.04 -7.79
N GLY A 115 -13.91 4.15 -9.02
CA GLY A 115 -12.47 4.19 -9.28
C GLY A 115 -11.85 5.44 -8.69
N ASP A 116 -12.57 6.55 -8.82
CA ASP A 116 -12.09 7.81 -8.27
C ASP A 116 -12.16 7.74 -6.76
N LEU A 117 -13.27 7.25 -6.18
CA LEU A 117 -13.39 7.14 -4.74
C LEU A 117 -12.27 6.29 -4.10
N ILE A 118 -11.84 5.16 -4.70
CA ILE A 118 -10.77 4.37 -4.09
C ILE A 118 -9.46 5.15 -4.10
N GLN A 119 -9.14 5.91 -5.15
CA GLN A 119 -7.91 6.69 -5.22
C GLN A 119 -7.91 7.82 -4.18
N PHE A 120 -9.09 8.43 -4.04
CA PHE A 120 -9.28 9.50 -3.08
C PHE A 120 -9.19 9.00 -1.66
N ALA A 121 -9.86 7.91 -1.30
CA ALA A 121 -9.81 7.39 0.04
C ALA A 121 -8.36 6.96 0.39
N THR A 122 -7.54 6.49 -0.55
CA THR A 122 -6.15 6.15 -0.28
C THR A 122 -5.37 7.41 0.05
N ALA A 123 -5.47 8.50 -0.75
CA ALA A 123 -4.72 9.72 -0.45
C ALA A 123 -5.14 10.32 0.90
N VAL A 124 -6.46 10.32 1.19
CA VAL A 124 -6.96 10.84 2.47
C VAL A 124 -6.54 9.96 3.65
N GLY A 125 -6.66 8.65 3.58
CA GLY A 125 -6.22 7.77 4.65
C GLY A 125 -4.74 7.90 4.98
N MET A 126 -3.89 7.99 3.94
CA MET A 126 -2.47 8.16 4.17
C MET A 126 -2.20 9.47 4.88
N SER A 127 -2.96 10.55 4.62
CA SER A 127 -2.76 11.82 5.33
C SER A 127 -2.95 11.72 6.86
N ASN A 128 -3.60 10.65 7.35
CA ASN A 128 -3.82 10.42 8.76
C ASN A 128 -2.64 9.74 9.42
N CYS A 129 -1.70 9.24 8.62
CA CYS A 129 -0.56 8.49 9.12
C CYS A 129 0.71 9.32 9.05
N PRO A 130 1.34 9.64 10.16
CA PRO A 130 2.56 10.45 10.21
C PRO A 130 3.65 9.97 9.24
N GLY A 131 4.27 10.94 8.57
CA GLY A 131 5.36 10.67 7.68
C GLY A 131 4.91 10.48 6.26
N SER A 132 3.61 10.34 5.99
CA SER A 132 3.13 10.14 4.63
C SER A 132 3.36 11.33 3.70
N PRO A 133 3.69 11.10 2.43
CA PRO A 133 3.74 12.15 1.42
C PRO A 133 2.29 12.53 1.03
N ARG A 134 2.08 13.65 0.35
CA ARG A 134 0.76 14.02 -0.15
C ARG A 134 0.62 13.33 -1.51
N LEU A 135 -0.27 12.39 -1.65
CA LEU A 135 -0.38 11.71 -2.93
C LEU A 135 -1.14 12.54 -3.93
N GLU A 136 -0.82 12.37 -5.20
CA GLU A 136 -1.56 13.06 -6.25
C GLU A 136 -2.98 12.52 -6.28
N PHE A 137 -3.98 13.35 -6.59
CA PHE A 137 -5.35 12.87 -6.72
C PHE A 137 -5.94 13.47 -8.02
N LEU A 138 -6.34 12.61 -8.92
CA LEU A 138 -6.97 12.98 -10.18
C LEU A 138 -8.43 12.51 -10.20
N THR A 139 -9.37 13.23 -10.82
CA THR A 139 -10.76 12.82 -10.85
C THR A 139 -11.20 12.75 -12.29
N GLY A 140 -12.20 11.93 -12.56
CA GLY A 140 -12.74 11.78 -13.88
C GLY A 140 -12.75 10.34 -14.36
N ARG A 141 -12.28 9.33 -13.66
CA ARG A 141 -12.36 7.96 -14.17
C ARG A 141 -13.82 7.55 -14.36
N SER A 142 -14.20 6.97 -15.51
CA SER A 142 -15.55 6.52 -15.75
C SER A 142 -15.98 5.50 -14.69
N ASN A 143 -17.25 5.57 -14.31
CA ASN A 143 -17.82 4.68 -13.35
C ASN A 143 -18.12 3.35 -14.01
N SER A 144 -18.09 3.20 -15.33
CA SER A 144 -18.38 1.88 -15.89
C SER A 144 -17.18 0.92 -15.86
N SER A 145 -17.34 -0.33 -15.45
CA SER A 145 -16.26 -1.29 -15.49
C SER A 145 -16.83 -2.69 -15.78
N GLN A 146 -15.89 -3.57 -16.10
CA GLN A 146 -16.17 -4.96 -16.33
C GLN A 146 -15.45 -5.65 -15.19
N PRO A 147 -15.75 -6.91 -14.80
CA PRO A 147 -15.06 -7.59 -13.72
C PRO A 147 -13.62 -7.86 -14.10
N SER A 148 -12.72 -7.75 -13.13
CA SER A 148 -11.33 -8.04 -13.38
C SER A 148 -11.20 -9.53 -13.71
N PRO A 149 -10.31 -9.91 -14.62
CA PRO A 149 -9.96 -11.29 -14.86
C PRO A 149 -9.34 -11.81 -13.55
N PRO A 150 -9.43 -13.10 -13.24
CA PRO A 150 -8.80 -13.69 -12.06
C PRO A 150 -7.31 -13.84 -12.33
N SER A 151 -6.61 -14.22 -11.26
CA SER A 151 -5.19 -14.48 -11.28
C SER A 151 -4.23 -13.34 -11.64
N LEU A 152 -4.64 -12.08 -11.49
CA LEU A 152 -3.76 -10.97 -11.80
C LEU A 152 -3.16 -10.33 -10.54
N ILE A 153 -3.50 -10.82 -9.34
CA ILE A 153 -2.97 -10.24 -8.13
C ILE A 153 -1.84 -11.10 -7.59
N PRO A 154 -0.64 -10.55 -7.37
CA PRO A 154 0.50 -11.26 -6.76
C PRO A 154 0.17 -11.81 -5.37
N GLY A 155 0.72 -13.00 -5.11
CA GLY A 155 0.50 -13.67 -3.87
C GLY A 155 1.78 -13.82 -3.07
N PRO A 156 1.68 -13.96 -1.74
CA PRO A 156 2.83 -14.09 -0.83
C PRO A 156 3.65 -15.36 -1.01
N GLY A 157 3.10 -16.40 -1.63
CA GLY A 157 3.82 -17.61 -1.89
C GLY A 157 4.42 -17.59 -3.29
N ASN A 158 4.30 -16.52 -4.06
CA ASN A 158 4.84 -16.51 -5.41
C ASN A 158 6.34 -16.30 -5.43
N THR A 159 7.02 -16.75 -6.48
CA THR A 159 8.46 -16.55 -6.59
C THR A 159 8.69 -15.11 -7.01
N VAL A 160 9.91 -14.61 -6.80
CA VAL A 160 10.23 -13.26 -7.25
C VAL A 160 10.03 -13.16 -8.77
N THR A 161 10.40 -14.18 -9.55
CA THR A 161 10.26 -14.10 -10.99
C THR A 161 8.80 -13.90 -11.32
N ALA A 162 7.92 -14.67 -10.65
CA ALA A 162 6.47 -14.61 -10.85
C ALA A 162 5.91 -13.20 -10.57
N ILE A 163 6.27 -12.62 -9.43
CA ILE A 163 5.84 -11.27 -9.09
C ILE A 163 6.39 -10.25 -10.09
N LEU A 164 7.68 -10.29 -10.42
CA LEU A 164 8.24 -9.34 -11.37
C LEU A 164 7.59 -9.47 -12.72
N ASP A 165 7.28 -10.67 -13.21
CA ASP A 165 6.59 -10.80 -14.49
C ASP A 165 5.18 -10.22 -14.40
N ARG A 166 4.41 -10.52 -13.37
CA ARG A 166 3.05 -10.02 -13.26
C ARG A 166 3.06 -8.51 -13.21
N MET A 167 3.93 -7.98 -12.35
CA MET A 167 4.02 -6.55 -12.17
C MET A 167 4.55 -5.85 -13.42
N GLY A 168 5.45 -6.53 -14.12
CA GLY A 168 6.06 -6.03 -15.32
C GLY A 168 5.02 -5.93 -16.42
N ASP A 169 4.11 -6.90 -16.48
CA ASP A 169 3.05 -6.88 -17.47
C ASP A 169 2.18 -5.65 -17.26
N ALA A 170 1.77 -5.41 -16.00
CA ALA A 170 0.95 -4.26 -15.64
C ALA A 170 1.69 -2.96 -15.93
N GLY A 171 3.01 -2.95 -15.97
CA GLY A 171 3.73 -1.76 -16.34
C GLY A 171 4.83 -1.39 -15.40
N PHE A 172 5.14 -2.14 -14.34
CA PHE A 172 6.16 -1.72 -13.41
C PHE A 172 7.49 -2.40 -13.56
N SER A 173 8.54 -1.60 -13.39
CA SER A 173 9.90 -2.09 -13.43
C SER A 173 10.17 -2.74 -12.08
N PRO A 174 11.23 -3.54 -11.92
CA PRO A 174 11.59 -4.14 -10.63
C PRO A 174 11.74 -3.08 -9.52
N ASP A 175 12.34 -1.93 -9.84
CA ASP A 175 12.50 -0.84 -8.91
C ASP A 175 11.17 -0.34 -8.42
N GLU A 176 10.19 -0.16 -9.30
CA GLU A 176 8.91 0.37 -8.90
C GLU A 176 8.15 -0.61 -8.04
N VAL A 177 8.39 -1.91 -8.22
CA VAL A 177 7.77 -2.94 -7.40
C VAL A 177 8.30 -2.70 -5.99
N VAL A 178 9.60 -2.50 -5.80
CA VAL A 178 10.13 -2.24 -4.46
C VAL A 178 9.54 -0.96 -3.90
N ASP A 179 9.41 0.10 -4.70
CA ASP A 179 8.88 1.37 -4.23
C ASP A 179 7.45 1.27 -3.75
N LEU A 180 6.69 0.47 -4.48
CA LEU A 180 5.30 0.23 -4.16
C LEU A 180 5.09 -0.46 -2.80
N LEU A 181 6.01 -1.34 -2.46
CA LEU A 181 5.98 -2.07 -1.23
C LEU A 181 6.23 -1.21 0.01
N ALA A 182 6.51 0.09 -0.12
CA ALA A 182 6.63 0.97 1.05
C ALA A 182 5.29 0.94 1.80
N ALA A 183 4.16 0.61 1.12
CA ALA A 183 2.89 0.53 1.78
C ALA A 183 2.85 -0.57 2.84
N HIS A 184 3.76 -1.57 2.85
CA HIS A 184 3.79 -2.54 3.92
C HIS A 184 4.39 -1.95 5.21
N SER A 185 4.82 -0.67 5.19
CA SER A 185 5.25 0.03 6.38
C SER A 185 3.99 0.41 7.20
N LEU A 186 2.77 0.28 6.68
CA LEU A 186 1.53 0.62 7.41
C LEU A 186 0.74 -0.69 7.26
N ALA A 187 1.22 -1.81 7.78
CA ALA A 187 0.55 -3.06 7.48
C ALA A 187 0.53 -4.14 8.53
N SER A 188 -0.45 -5.00 8.43
CA SER A 188 -0.52 -6.15 9.30
C SER A 188 -1.09 -7.25 8.41
N GLN A 189 -1.26 -8.45 8.95
CA GLN A 189 -1.96 -9.49 8.21
C GLN A 189 -3.09 -9.95 9.14
N GLU A 190 -4.16 -10.51 8.61
CA GLU A 190 -5.26 -11.00 9.42
C GLU A 190 -5.61 -12.42 9.00
N GLY A 191 -5.35 -12.73 7.72
CA GLY A 191 -5.70 -14.01 7.17
C GLY A 191 -4.59 -14.98 6.86
N LEU A 192 -3.31 -14.67 7.02
CA LEU A 192 -2.25 -15.61 6.73
C LEU A 192 -2.03 -16.51 7.96
N ASN A 193 -2.18 -15.95 9.15
CA ASN A 193 -2.03 -16.67 10.40
C ASN A 193 -3.03 -15.98 11.33
N SER A 194 -4.24 -16.49 11.36
CA SER A 194 -5.29 -15.90 12.16
C SER A 194 -5.06 -15.98 13.67
N ALA A 195 -4.12 -16.86 14.08
CA ALA A 195 -3.75 -16.98 15.48
C ALA A 195 -3.03 -15.75 16.01
N ILE A 196 -2.47 -14.87 15.18
CA ILE A 196 -1.79 -13.66 15.65
C ILE A 196 -2.36 -12.57 14.75
N PHE A 197 -3.70 -12.41 14.87
CA PHE A 197 -4.47 -11.43 14.10
C PHE A 197 -3.88 -10.03 14.28
N ARG A 198 -3.79 -9.32 13.15
CA ARG A 198 -3.22 -7.98 13.04
C ARG A 198 -1.77 -7.89 13.49
N SER A 199 -0.98 -8.96 13.31
CA SER A 199 0.42 -8.84 13.65
C SER A 199 1.03 -7.91 12.59
N PRO A 200 1.75 -6.84 12.97
CA PRO A 200 2.41 -5.91 12.08
C PRO A 200 3.56 -6.50 11.27
N LEU A 201 3.76 -5.87 10.12
CA LEU A 201 4.83 -6.21 9.20
C LEU A 201 6.04 -5.36 9.54
N ASP A 202 5.95 -4.28 10.31
CA ASP A 202 7.15 -3.62 10.78
C ASP A 202 6.78 -3.11 12.17
N SER A 203 7.74 -2.54 12.89
CA SER A 203 7.49 -2.08 14.23
C SER A 203 6.67 -0.80 14.35
N THR A 204 6.37 -0.06 13.27
CA THR A 204 5.58 1.15 13.36
C THR A 204 4.45 1.07 12.37
N PRO A 205 3.40 0.24 12.57
CA PRO A 205 2.30 0.11 11.63
C PRO A 205 1.49 1.39 11.47
N GLN A 206 1.75 2.42 12.28
CA GLN A 206 1.04 3.67 12.12
C GLN A 206 1.98 4.77 11.67
N VAL A 207 3.22 4.53 11.24
CA VAL A 207 4.07 5.62 10.84
C VAL A 207 4.60 5.22 9.47
N PHE A 208 4.46 6.05 8.43
CA PHE A 208 4.96 5.75 7.11
C PHE A 208 6.44 6.10 7.13
N ASP A 209 7.23 5.06 7.35
CA ASP A 209 8.67 5.14 7.45
C ASP A 209 9.41 3.95 6.79
N THR A 210 10.71 4.06 6.87
CA THR A 210 11.68 3.11 6.38
C THR A 210 11.79 1.78 7.19
N GLN A 211 11.18 1.64 8.40
CA GLN A 211 11.32 0.45 9.23
C GLN A 211 11.02 -0.86 8.53
N PHE A 212 10.05 -0.92 7.63
CA PHE A 212 9.73 -2.15 6.93
C PHE A 212 10.93 -2.63 6.11
N TYR A 213 11.70 -1.78 5.47
CA TYR A 213 12.81 -2.25 4.66
C TYR A 213 13.96 -2.75 5.53
N ILE A 214 14.15 -2.12 6.69
CA ILE A 214 15.22 -2.50 7.59
C ILE A 214 14.91 -3.85 8.21
N GLU A 215 13.69 -3.97 8.72
CA GLU A 215 13.26 -5.15 9.45
C GLU A 215 13.05 -6.42 8.67
N THR A 216 12.69 -6.32 7.39
CA THR A 216 12.57 -7.51 6.57
C THR A 216 13.94 -8.07 6.20
N LEU A 217 15.00 -7.25 6.34
CA LEU A 217 16.36 -7.66 6.02
C LEU A 217 17.08 -8.30 7.22
N LEU A 218 16.51 -8.15 8.44
CA LEU A 218 17.11 -8.76 9.62
C LEU A 218 16.95 -10.27 9.55
N LYS A 219 17.87 -11.01 10.19
CA LYS A 219 17.78 -12.46 10.19
C LYS A 219 16.49 -12.94 10.85
N GLY A 220 15.75 -13.81 10.15
CA GLY A 220 14.54 -14.43 10.67
C GLY A 220 14.94 -15.39 11.82
N THR A 221 14.53 -14.98 13.01
CA THR A 221 14.85 -15.62 14.26
C THR A 221 13.68 -16.19 15.07
N THR A 222 12.53 -15.55 14.96
CA THR A 222 11.40 -15.81 15.82
C THR A 222 10.18 -16.34 15.11
N GLN A 223 9.42 -17.25 15.72
CA GLN A 223 8.17 -17.74 15.16
C GLN A 223 7.22 -16.94 16.05
N PRO A 224 6.44 -15.98 15.56
CA PRO A 224 5.59 -15.20 16.45
C PRO A 224 4.32 -15.91 16.98
N GLY A 225 3.80 -16.93 16.30
CA GLY A 225 2.59 -17.58 16.74
C GLY A 225 2.84 -19.05 17.08
N PRO A 226 1.79 -19.78 17.44
CA PRO A 226 1.82 -21.21 17.75
C PRO A 226 2.31 -22.10 16.61
N SER A 227 2.00 -21.72 15.38
CA SER A 227 2.47 -22.42 14.22
C SER A 227 2.74 -21.38 13.15
N LEU A 228 3.17 -21.82 11.97
CA LEU A 228 3.39 -20.93 10.85
C LEU A 228 2.15 -21.01 9.98
N GLY A 229 1.77 -19.86 9.43
CA GLY A 229 0.61 -19.72 8.58
C GLY A 229 1.05 -19.78 7.13
N PHE A 230 0.10 -19.48 6.24
CA PHE A 230 0.35 -19.50 4.82
C PHE A 230 1.41 -18.44 4.45
N ALA A 231 2.46 -18.93 3.77
CA ALA A 231 3.57 -18.15 3.30
C ALA A 231 4.29 -17.34 4.38
N GLU A 232 4.30 -17.91 5.59
CA GLU A 232 4.93 -17.26 6.72
C GLU A 232 6.37 -17.73 6.88
N GLU A 233 7.22 -16.76 7.22
CA GLU A 233 8.64 -16.94 7.48
C GLU A 233 8.98 -16.54 8.92
N LEU A 234 10.14 -16.93 9.40
CA LEU A 234 10.57 -16.58 10.75
C LEU A 234 10.83 -15.08 10.74
N SER A 235 10.47 -14.32 11.79
CA SER A 235 10.64 -12.88 11.81
C SER A 235 11.77 -12.45 12.76
N PRO A 236 12.13 -11.18 12.94
CA PRO A 236 13.21 -10.79 13.82
C PRO A 236 12.83 -10.65 15.28
N PHE A 237 11.55 -10.56 15.63
CA PHE A 237 11.15 -10.42 17.02
C PHE A 237 9.65 -10.72 17.24
N PRO A 238 9.27 -11.07 18.49
CA PRO A 238 7.91 -11.38 18.90
C PRO A 238 6.92 -10.35 18.40
N GLY A 239 5.78 -10.79 17.89
CA GLY A 239 4.77 -9.87 17.43
C GLY A 239 4.87 -9.51 15.97
N GLU A 240 6.03 -9.52 15.32
CA GLU A 240 6.15 -9.14 13.93
C GLU A 240 5.96 -10.34 13.03
N PHE A 241 5.20 -10.14 11.95
CA PHE A 241 4.94 -11.17 10.98
C PHE A 241 5.85 -10.95 9.78
N ARG A 242 6.41 -11.98 9.15
CA ARG A 242 7.20 -11.80 7.95
C ARG A 242 6.61 -12.73 6.90
N MET A 243 6.22 -12.20 5.73
CA MET A 243 5.69 -13.05 4.65
C MET A 243 6.81 -13.34 3.66
N ARG A 244 6.72 -14.53 3.04
CA ARG A 244 7.75 -14.98 2.12
C ARG A 244 8.13 -14.04 1.01
N SER A 245 7.21 -13.49 0.24
CA SER A 245 7.51 -12.61 -0.87
C SER A 245 8.33 -11.41 -0.45
N ASP A 246 8.01 -10.80 0.72
CA ASP A 246 8.79 -9.67 1.23
C ASP A 246 10.19 -10.14 1.60
N ALA A 247 10.35 -11.30 2.26
CA ALA A 247 11.66 -11.83 2.62
C ALA A 247 12.51 -12.05 1.37
N LEU A 248 11.91 -12.66 0.36
CA LEU A 248 12.55 -12.98 -0.91
C LEU A 248 12.89 -11.75 -1.72
N LEU A 249 12.02 -10.73 -1.81
CA LEU A 249 12.30 -9.54 -2.58
C LEU A 249 13.42 -8.77 -1.91
N ALA A 250 13.51 -8.78 -0.58
CA ALA A 250 14.57 -8.07 0.11
C ALA A 250 15.96 -8.61 -0.22
N ARG A 251 16.01 -9.91 -0.48
CA ARG A 251 17.22 -10.65 -0.76
C ARG A 251 17.50 -11.01 -2.22
N ASP A 252 16.58 -10.97 -3.16
CA ASP A 252 16.86 -11.40 -4.52
C ASP A 252 17.79 -10.42 -5.20
N SER A 253 18.75 -10.87 -6.02
CA SER A 253 19.65 -9.93 -6.66
C SER A 253 18.99 -8.90 -7.58
N ARG A 254 17.79 -9.18 -8.11
CA ARG A 254 17.11 -8.25 -8.98
C ARG A 254 16.52 -7.08 -8.22
N THR A 255 16.28 -7.21 -6.92
CA THR A 255 15.61 -6.15 -6.19
C THR A 255 16.33 -5.69 -4.93
N ALA A 256 17.34 -6.46 -4.54
CA ALA A 256 18.08 -6.21 -3.31
C ALA A 256 18.71 -4.83 -3.18
N CYS A 257 19.29 -4.25 -4.23
CA CYS A 257 19.93 -2.96 -4.07
C CYS A 257 18.90 -1.83 -3.92
N ARG A 258 17.75 -1.88 -4.61
CA ARG A 258 16.72 -0.86 -4.44
C ARG A 258 16.15 -0.99 -3.03
N TRP A 259 15.94 -2.22 -2.53
CA TRP A 259 15.40 -2.43 -1.19
C TRP A 259 16.31 -1.81 -0.12
N GLN A 260 17.62 -2.01 -0.28
CA GLN A 260 18.64 -1.48 0.60
C GLN A 260 18.69 0.04 0.53
N SER A 261 18.49 0.64 -0.63
CA SER A 261 18.52 2.09 -0.75
C SER A 261 17.36 2.80 -0.02
N MET A 262 16.29 2.03 0.18
CA MET A 262 15.08 2.50 0.83
C MET A 262 15.21 2.51 2.33
N THR A 263 16.29 1.96 2.90
CA THR A 263 16.43 1.90 4.34
C THR A 263 16.84 3.18 5.07
N SER A 264 17.55 4.17 4.50
CA SER A 264 18.04 5.26 5.36
C SER A 264 17.43 6.64 5.32
N SER A 265 16.51 6.78 4.38
CA SER A 265 15.87 8.04 4.13
C SER A 265 14.37 7.92 3.87
N ASN A 266 13.66 8.44 4.86
CA ASN A 266 12.21 8.49 4.75
C ASN A 266 11.83 9.44 3.62
N GLU A 267 12.62 10.50 3.37
CA GLU A 267 12.35 11.47 2.32
C GLU A 267 12.48 10.84 0.94
N VAL A 268 13.51 10.05 0.64
CA VAL A 268 13.67 9.40 -0.66
C VAL A 268 12.58 8.35 -0.78
N MET A 269 12.31 7.54 0.28
CA MET A 269 11.27 6.53 0.22
C MET A 269 9.91 7.15 -0.18
N GLY A 270 9.49 8.24 0.49
CA GLY A 270 8.23 8.89 0.21
C GLY A 270 8.14 9.43 -1.23
N GLN A 271 9.22 10.03 -1.79
CA GLN A 271 9.19 10.57 -3.14
C GLN A 271 9.02 9.45 -4.14
N ARG A 272 9.71 8.33 -3.92
CA ARG A 272 9.64 7.17 -4.79
C ARG A 272 8.26 6.51 -4.74
N TYR A 273 7.71 6.33 -3.53
CA TYR A 273 6.41 5.75 -3.35
C TYR A 273 5.37 6.66 -3.99
N ARG A 274 5.41 8.00 -3.81
CA ARG A 274 4.45 8.90 -4.41
C ARG A 274 4.41 8.79 -5.93
N ALA A 275 5.58 8.68 -6.57
CA ALA A 275 5.70 8.52 -8.01
C ALA A 275 5.12 7.19 -8.50
N ALA A 276 5.43 6.07 -7.85
CA ALA A 276 4.91 4.79 -8.29
C ALA A 276 3.39 4.74 -8.08
N MET A 277 2.88 5.29 -6.98
CA MET A 277 1.43 5.33 -6.73
C MET A 277 0.72 6.18 -7.76
N ALA A 278 1.29 7.32 -8.24
CA ALA A 278 0.67 8.14 -9.27
C ALA A 278 0.53 7.31 -10.55
N LYS A 279 1.54 6.49 -10.87
CA LYS A 279 1.52 5.61 -12.02
C LYS A 279 0.42 4.55 -11.84
N MET A 280 0.36 3.90 -10.70
CA MET A 280 -0.65 2.90 -10.44
C MET A 280 -2.06 3.46 -10.51
N SER A 281 -2.29 4.69 -10.07
CA SER A 281 -3.61 5.27 -10.02
C SER A 281 -4.24 5.46 -11.38
N VAL A 282 -3.47 5.50 -12.47
CA VAL A 282 -4.08 5.72 -13.76
C VAL A 282 -3.96 4.51 -14.67
N LEU A 283 -3.65 3.30 -14.16
CA LEU A 283 -3.62 2.10 -15.00
C LEU A 283 -5.02 1.91 -15.60
N GLY A 284 -5.07 1.78 -16.93
CA GLY A 284 -6.29 1.63 -17.69
C GLY A 284 -6.84 3.00 -18.10
N PHE A 285 -6.18 4.13 -17.81
CA PHE A 285 -6.70 5.47 -18.10
C PHE A 285 -5.60 6.31 -18.67
N ASP A 286 -6.05 7.41 -19.27
CA ASP A 286 -5.15 8.41 -19.83
C ASP A 286 -5.21 9.53 -18.83
N ARG A 287 -4.09 9.77 -18.12
CA ARG A 287 -4.11 10.80 -17.11
C ARG A 287 -4.35 12.15 -17.74
N ASN A 288 -4.06 12.33 -19.04
CA ASN A 288 -4.31 13.63 -19.65
C ASN A 288 -5.79 13.85 -19.81
N ALA A 289 -6.62 12.83 -19.64
CA ALA A 289 -8.05 13.03 -19.70
C ALA A 289 -8.63 13.32 -18.32
N LEU A 290 -7.84 13.28 -17.24
CA LEU A 290 -8.36 13.45 -15.89
C LEU A 290 -8.12 14.85 -15.38
N THR A 291 -8.85 15.31 -14.35
CA THR A 291 -8.68 16.65 -13.77
C THR A 291 -7.90 16.49 -12.47
N ASP A 292 -6.90 17.36 -12.28
CA ASP A 292 -6.12 17.31 -11.08
C ASP A 292 -6.81 17.99 -9.90
N CYS A 293 -7.12 17.26 -8.85
CA CYS A 293 -7.72 17.86 -7.66
C CYS A 293 -6.81 17.60 -6.47
N SER A 294 -5.49 17.63 -6.68
CA SER A 294 -4.55 17.29 -5.61
C SER A 294 -4.59 18.27 -4.44
N ASP A 295 -4.94 19.52 -4.70
CA ASP A 295 -5.02 20.48 -3.63
C ASP A 295 -6.09 20.10 -2.64
N VAL A 296 -7.00 19.16 -2.90
CA VAL A 296 -8.01 18.80 -1.91
C VAL A 296 -7.39 17.99 -0.74
N ILE A 297 -6.29 17.29 -1.00
CA ILE A 297 -5.65 16.39 -0.04
C ILE A 297 -4.88 17.10 1.07
N PRO A 298 -5.18 16.91 2.36
CA PRO A 298 -4.46 17.57 3.46
C PRO A 298 -3.06 17.01 3.70
N SER A 299 -2.19 17.81 4.34
CA SER A 299 -0.86 17.34 4.73
C SER A 299 -0.96 16.42 5.96
N ALA A 300 -0.06 15.45 6.03
CA ALA A 300 0.02 14.54 7.15
C ALA A 300 0.97 15.23 8.12
N VAL A 301 0.97 14.82 9.38
CA VAL A 301 1.94 15.40 10.32
C VAL A 301 3.30 14.74 9.99
N SER A 302 4.41 15.46 10.10
CA SER A 302 5.71 14.88 9.84
C SER A 302 6.23 13.87 10.86
N ASN A 303 7.01 12.94 10.37
CA ASN A 303 7.60 11.93 11.20
C ASN A 303 8.99 12.50 11.47
N ASN A 304 9.39 12.69 12.73
CA ASN A 304 10.71 13.25 13.07
C ASN A 304 11.69 12.19 13.58
N ALA A 305 11.28 10.93 13.75
CA ALA A 305 12.18 9.90 14.19
C ALA A 305 13.12 9.44 13.07
N ALA A 306 14.38 9.20 13.35
CA ALA A 306 15.34 8.68 12.40
C ALA A 306 15.15 7.15 12.29
N PRO A 307 15.57 6.54 11.16
CA PRO A 307 15.56 5.08 10.94
C PRO A 307 16.38 4.40 12.02
N VAL A 308 16.01 3.24 12.55
CA VAL A 308 16.82 2.54 13.56
C VAL A 308 16.78 1.06 13.31
N ILE A 309 17.81 0.41 13.81
CA ILE A 309 17.84 -1.05 13.82
C ILE A 309 17.36 -1.20 15.26
N PRO A 310 16.18 -1.78 15.46
CA PRO A 310 15.61 -1.90 16.80
C PRO A 310 16.18 -2.99 17.72
N GLY A 311 15.82 -2.80 18.99
CA GLY A 311 16.07 -3.70 20.10
C GLY A 311 17.42 -4.35 20.30
N GLY A 312 18.49 -3.63 20.11
CA GLY A 312 19.79 -4.18 20.33
C GLY A 312 20.36 -4.87 19.11
N LEU A 313 19.65 -5.06 18.00
CA LEU A 313 20.27 -5.72 16.87
C LEU A 313 21.28 -4.73 16.27
N THR A 314 22.21 -5.16 15.42
CA THR A 314 23.25 -4.33 14.84
C THR A 314 23.28 -4.67 13.38
N VAL A 315 24.28 -4.13 12.69
CA VAL A 315 24.42 -4.41 11.27
C VAL A 315 24.71 -5.87 11.07
N ASP A 316 25.32 -6.50 12.06
CA ASP A 316 25.66 -7.91 11.92
C ASP A 316 24.42 -8.77 11.85
N ASP A 317 23.27 -8.26 12.32
CA ASP A 317 22.05 -9.03 12.21
C ASP A 317 21.34 -8.83 10.89
N ILE A 318 21.76 -7.90 10.00
CA ILE A 318 21.01 -7.78 8.76
C ILE A 318 21.80 -8.59 7.74
N GLU A 319 21.02 -9.31 6.96
CA GLU A 319 21.53 -10.12 5.89
C GLU A 319 21.74 -9.26 4.64
N VAL A 320 22.87 -8.54 4.55
CA VAL A 320 23.12 -7.63 3.42
C VAL A 320 23.12 -8.44 2.13
N SER A 321 22.27 -8.00 1.22
CA SER A 321 22.08 -8.67 -0.03
C SER A 321 22.41 -7.82 -1.25
N CYS A 322 22.82 -6.55 -1.16
CA CYS A 322 23.17 -5.78 -2.34
C CYS A 322 24.71 -5.84 -2.40
N PRO A 323 25.28 -6.57 -3.35
CA PRO A 323 26.71 -6.79 -3.44
C PRO A 323 27.51 -5.60 -3.87
N SER A 324 26.90 -4.60 -4.46
CA SER A 324 27.64 -3.46 -4.93
C SER A 324 27.76 -2.28 -3.97
N GLU A 325 26.77 -2.03 -3.12
CA GLU A 325 26.84 -0.88 -2.21
C GLU A 325 26.84 -1.32 -0.77
N PRO A 326 27.66 -0.74 0.10
CA PRO A 326 27.67 -1.06 1.51
C PRO A 326 26.35 -0.64 2.15
N PHE A 327 25.98 -1.36 3.19
CA PHE A 327 24.77 -1.08 3.93
C PHE A 327 24.91 0.31 4.56
N PRO A 328 23.90 1.18 4.51
CA PRO A 328 23.95 2.51 5.13
C PRO A 328 24.16 2.52 6.63
N GLU A 329 24.76 3.59 7.15
CA GLU A 329 25.00 3.72 8.58
C GLU A 329 23.65 4.08 9.20
N ILE A 330 22.96 3.14 9.85
CA ILE A 330 21.66 3.38 10.44
C ILE A 330 21.89 3.36 11.94
N ALA A 331 21.14 4.14 12.71
CA ALA A 331 21.27 4.16 14.16
C ALA A 331 20.81 2.85 14.81
N THR A 332 21.41 2.43 15.92
CA THR A 332 20.99 1.23 16.60
C THR A 332 20.26 1.69 17.86
N ALA A 333 19.44 0.83 18.45
CA ALA A 333 18.71 1.21 19.65
C ALA A 333 19.28 0.44 20.82
N SER A 334 19.47 1.15 21.91
CA SER A 334 20.06 0.54 23.10
C SER A 334 19.00 -0.20 23.91
N GLY A 335 18.40 -1.31 23.46
CA GLY A 335 17.37 -1.89 24.31
C GLY A 335 17.24 -3.37 24.15
N PRO A 336 16.31 -4.04 24.85
CA PRO A 336 15.97 -5.44 24.62
C PRO A 336 15.09 -5.52 23.36
N LEU A 337 14.97 -6.75 22.84
CA LEU A 337 14.19 -7.05 21.64
C LEU A 337 12.71 -6.70 21.83
N PRO A 338 12.11 -5.86 20.99
CA PRO A 338 10.73 -5.46 21.16
C PRO A 338 9.77 -6.63 20.97
N SER A 339 8.54 -6.48 21.46
CA SER A 339 7.48 -7.47 21.25
C SER A 339 6.39 -6.53 20.74
N LEU A 340 5.88 -6.79 19.54
CA LEU A 340 4.92 -5.89 18.96
C LEU A 340 3.50 -6.27 19.28
N ALA A 341 2.79 -5.22 19.63
CA ALA A 341 1.37 -5.34 19.90
C ALA A 341 0.67 -5.42 18.54
N PRO A 342 -0.52 -5.98 18.40
CA PRO A 342 -1.24 -5.99 17.13
C PRO A 342 -1.44 -4.54 16.65
N ALA A 343 -1.50 -4.39 15.33
CA ALA A 343 -1.72 -3.11 14.69
C ALA A 343 -3.16 -2.73 15.09
N PRO A 344 -3.49 -1.47 15.37
CA PRO A 344 -4.82 -1.08 15.78
C PRO A 344 -5.87 -1.12 14.67
C1 NAG B . -21.53 3.57 -10.48
C2 NAG B . -22.71 4.41 -10.00
C3 NAG B . -23.37 3.65 -8.85
C4 NAG B . -23.76 2.23 -9.28
C5 NAG B . -22.62 1.48 -9.94
C6 NAG B . -23.15 0.23 -10.59
C7 NAG B . -22.52 6.87 -10.29
C8 NAG B . -22.15 8.22 -9.71
N2 NAG B . -22.36 5.77 -9.56
O3 NAG B . -24.52 4.34 -8.42
O4 NAG B . -24.10 1.47 -8.13
O5 NAG B . -22.02 2.30 -10.94
O6 NAG B . -22.07 -0.48 -11.12
O7 NAG B . -22.94 6.81 -11.45
C1 NAG B . -25.46 1.21 -7.85
C2 NAG B . -25.45 0.18 -6.72
C3 NAG B . -26.90 -0.02 -6.22
C4 NAG B . -27.55 1.32 -5.80
C5 NAG B . -27.51 2.24 -7.04
C6 NAG B . -28.11 3.60 -6.71
C7 NAG B . -23.64 -1.46 -6.92
C8 NAG B . -23.10 -2.75 -7.51
N2 NAG B . -24.88 -1.07 -7.21
O3 NAG B . -26.86 -0.88 -5.09
O4 NAG B . -28.88 1.17 -5.28
O5 NAG B . -26.15 2.41 -7.44
O6 NAG B . -27.61 4.61 -7.57
O7 NAG B . -22.93 -0.81 -6.15
C1 BMA C . 4.96 -9.29 22.30
C2 BMA C . 4.47 -10.65 21.83
C3 BMA C . 3.19 -10.45 21.07
C4 BMA C . 2.20 -9.69 21.99
C5 BMA C . 2.82 -8.44 22.60
C6 BMA C . 1.99 -7.66 23.59
O2 BMA C . 4.24 -11.53 22.91
O3 BMA C . 2.68 -11.71 20.68
O4 BMA C . 1.09 -9.28 21.22
O5 BMA C . 4.05 -8.78 23.27
O6 BMA C . 2.82 -6.61 24.08
CA CA D . -10.10 -2.91 -11.22
CA CA E . 6.07 1.73 9.56
C1 SHA F . -2.93 -11.92 -1.23
C2 SHA F . -2.61 -12.74 -2.35
C3 SHA F . -2.81 -14.11 -2.32
C4 SHA F . -3.32 -14.73 -1.16
C5 SHA F . -3.65 -13.96 -0.04
C6 SHA F . -3.46 -12.56 -0.06
O6 SHA F . -3.82 -11.83 1.03
C7 SHA F . -2.67 -10.44 -1.37
O7 SHA F . -3.15 -9.61 -0.54
N8 SHA F . -1.94 -9.96 -2.36
O9 SHA F . -1.73 -8.57 -2.44
CHA HEM G . -1.18 -6.78 3.42
CHB HEM G . 0.66 -9.44 -0.17
CHC HEM G . 1.93 -5.44 -2.49
CHD HEM G . -0.57 -2.85 0.71
C1A HEM G . -0.78 -7.87 2.65
C2A HEM G . -1.08 -9.25 2.95
C3A HEM G . -0.58 -9.99 1.92
C4A HEM G . 0.01 -9.06 1.00
CMA HEM G . -0.56 -11.50 1.77
CAA HEM G . -1.81 -9.74 4.18
CBA HEM G . -3.32 -9.58 4.11
CGA HEM G . -4.01 -10.23 5.29
O1A HEM G . -4.61 -9.55 6.09
O2A HEM G . -3.91 -11.45 5.44
C1B HEM G . 1.29 -8.58 -1.05
C2B HEM G . 2.03 -8.99 -2.21
C3B HEM G . 2.42 -7.89 -2.87
C4B HEM G . 1.93 -6.76 -2.07
CMB HEM G . 2.37 -10.42 -2.63
CAB HEM G . 3.01 -7.87 -4.13
CBB HEM G . 4.41 -7.59 -4.42
C1C HEM G . 1.28 -4.38 -1.87
C2C HEM G . 1.12 -3.06 -2.46
C3C HEM G . 0.34 -2.34 -1.60
C4C HEM G . 0.07 -3.23 -0.47
CMC HEM G . 1.72 -2.63 -3.80
CAC HEM G . -0.21 -1.05 -1.73
CBC HEM G . 0.33 0.08 -2.44
C1D HEM G . -0.84 -3.67 1.81
C2D HEM G . -1.32 -3.22 3.08
C3D HEM G . -1.51 -4.31 3.82
C4D HEM G . -1.08 -5.45 3.04
CMD HEM G . -1.47 -1.77 3.54
CAD HEM G . -2.03 -4.36 5.23
CBD HEM G . -3.53 -4.68 5.35
CGD HEM G . -4.00 -4.75 6.79
O1D HEM G . -5.14 -5.11 7.04
O2D HEM G . -3.23 -4.44 7.70
NA HEM G . -0.13 -7.76 1.43
NB HEM G . 1.25 -7.20 -0.93
NC HEM G . 0.61 -4.48 -0.66
ND HEM G . -0.61 -5.03 1.82
FE HEM G . 0.40 -6.10 0.49
#